data_6QOP
#
_entry.id   6QOP
#
_cell.length_a   74.133
_cell.length_b   78.896
_cell.length_c   86.245
_cell.angle_alpha   90.000
_cell.angle_beta   90.000
_cell.angle_gamma   90.000
#
_symmetry.space_group_name_H-M   'P 21 21 21'
#
loop_
_entity.id
_entity.type
_entity.pdbx_description
1 polymer 'tRNA (guanine-N(1)-)-methyltransferase'
2 non-polymer 5-fluoranyl-3,4-dihydroquinazolin-4-ol
3 non-polymer 'SULFATE ION'
4 water water
#
_entity_poly.entity_id   1
_entity_poly.type   'polypeptide(L)'
_entity_poly.pdbx_seq_one_letter_code
;GSMKIDVVTIFPEYLQPVRQSLPGKAIDAGLVDVAVHDLRRWTHDVHKSVDDSPYGGGPGMVMKPTVWGDALDEICTSET
LLVVPTPAGYPFTQETAWQWSTEDHLVIACGRYEGIDQRVADDAATRMRVREVSIGDYVLNGGEAAALVIIEAVLRLVPG
VLGNALSAQEDSHSEGMASLLEGPSYTRPPSWRGMDVPPVLLSGDHAKIAAWRAEQSRQRTIERRPDLLGFDSPTGEHGG
DGLS
;
_entity_poly.pdbx_strand_id   A,B
#
loop_
_chem_comp.id
_chem_comp.type
_chem_comp.name
_chem_comp.formula
JBQ non-polymer 5-fluoranyl-3,4-dihydroquinazolin-4-ol 'C8 H7 F N2 O'
SO4 non-polymer 'SULFATE ION' 'O4 S -2'
#
# COMPACT_ATOMS: atom_id res chain seq x y z
N SER A 2 7.64 11.46 21.14
CA SER A 2 6.22 11.68 20.92
C SER A 2 5.81 11.54 19.45
N MET A 3 4.86 10.66 19.19
CA MET A 3 4.05 10.74 17.96
C MET A 3 2.67 10.18 18.25
N LYS A 4 1.65 10.95 17.88
CA LYS A 4 0.28 10.48 17.96
C LYS A 4 -0.28 10.38 16.55
N ILE A 5 -0.86 9.22 16.24
CA ILE A 5 -1.56 9.03 14.98
C ILE A 5 -3.03 8.75 15.28
N ASP A 6 -3.91 9.58 14.75
CA ASP A 6 -5.34 9.31 14.79
C ASP A 6 -5.79 8.90 13.39
N VAL A 7 -6.47 7.77 13.27
CA VAL A 7 -7.02 7.34 11.98
C VAL A 7 -8.54 7.40 12.04
N VAL A 8 -9.16 8.01 11.04
CA VAL A 8 -10.63 8.04 10.99
C VAL A 8 -11.13 7.28 9.77
N THR A 9 -12.06 6.36 9.99
CA THR A 9 -12.43 5.37 8.99
C THR A 9 -13.80 4.79 9.32
N ILE A 10 -14.57 4.39 8.30
CA ILE A 10 -15.78 3.62 8.59
C ILE A 10 -15.47 2.13 8.75
N PHE A 11 -14.20 1.73 8.58
CA PHE A 11 -13.79 0.35 8.85
C PHE A 11 -12.76 0.24 9.98
N PRO A 12 -13.15 0.55 11.22
CA PRO A 12 -12.15 0.62 12.30
C PRO A 12 -11.45 -0.71 12.61
N GLU A 13 -12.12 -1.84 12.43
CA GLU A 13 -11.51 -3.13 12.69
C GLU A 13 -10.37 -3.43 11.70
N TYR A 14 -10.49 -2.91 10.48
CA TYR A 14 -9.46 -3.05 9.46
C TYR A 14 -8.11 -2.52 9.97
N LEU A 15 -8.18 -1.44 10.74
CA LEU A 15 -6.99 -0.72 11.17
C LEU A 15 -6.41 -1.17 12.50
N GLN A 16 -7.14 -1.98 13.27
CA GLN A 16 -6.64 -2.44 14.57
C GLN A 16 -5.32 -3.24 14.49
N PRO A 17 -5.21 -4.21 13.54
CA PRO A 17 -3.96 -4.99 13.40
C PRO A 17 -2.68 -4.22 13.65
N VAL A 18 -2.35 -3.26 12.79
CA VAL A 18 -1.18 -2.42 13.01
C VAL A 18 -1.25 -1.70 14.36
N PRO A 23 0.14 -5.26 16.12
CA PRO A 23 0.72 -4.54 17.25
C PRO A 23 1.95 -3.71 16.84
N GLY A 24 2.81 -3.38 17.80
CA GLY A 24 4.00 -2.64 17.51
C GLY A 24 4.66 -1.83 18.62
N LYS A 25 5.49 -2.52 19.41
CA LYS A 25 6.54 -1.91 20.23
C LYS A 25 6.15 -1.20 21.54
N ALA A 26 7.09 -0.39 22.03
CA ALA A 26 7.00 0.27 23.34
C ALA A 26 6.41 1.69 23.26
N ILE A 27 5.10 1.77 23.50
CA ILE A 27 4.39 3.03 23.71
C ILE A 27 4.58 3.47 25.15
N ASP A 28 4.99 2.52 26.00
CA ASP A 28 5.22 2.80 27.43
C ASP A 28 6.31 3.86 27.62
N ALA A 29 7.10 4.08 26.59
CA ALA A 29 8.10 5.14 26.59
C ALA A 29 7.55 6.44 25.99
N GLY A 30 6.33 6.39 25.47
CA GLY A 30 5.68 7.57 24.93
C GLY A 30 6.15 7.98 23.54
N LEU A 31 6.64 7.02 22.78
CA LEU A 31 7.20 7.31 21.46
C LEU A 31 6.15 7.25 20.36
N VAL A 32 5.09 6.47 20.54
CA VAL A 32 4.09 6.29 19.48
C VAL A 32 2.71 5.75 19.90
N ASP A 33 1.68 6.58 19.77
CA ASP A 33 0.31 6.15 20.06
C ASP A 33 -0.56 6.20 18.80
N VAL A 34 -1.24 5.09 18.52
CA VAL A 34 -2.16 5.03 17.38
C VAL A 34 -3.59 4.81 17.85
N ALA A 35 -4.49 5.71 17.45
CA ALA A 35 -5.88 5.61 17.84
C ALA A 35 -6.74 5.56 16.61
N VAL A 36 -7.64 4.59 16.56
CA VAL A 36 -8.52 4.47 15.40
C VAL A 36 -9.93 4.89 15.81
N HIS A 37 -10.54 5.76 15.00
CA HIS A 37 -11.85 6.30 15.31
C HIS A 37 -12.83 5.92 14.21
N ASP A 38 -13.98 5.39 14.60
CA ASP A 38 -15.08 5.08 13.69
C ASP A 38 -15.76 6.38 13.25
N LEU A 39 -15.74 6.68 11.95
CA LEU A 39 -16.35 7.90 11.41
C LEU A 39 -17.82 8.04 11.81
N ARG A 40 -18.52 6.93 11.96
CA ARG A 40 -19.97 6.99 12.26
C ARG A 40 -20.27 7.61 13.62
N ARG A 41 -19.25 7.76 14.46
CA ARG A 41 -19.37 8.51 15.70
C ARG A 41 -19.90 9.91 15.42
N TRP A 42 -19.55 10.46 14.26
CA TRP A 42 -19.90 11.84 13.97
C TRP A 42 -21.05 12.02 12.99
N THR A 43 -21.83 10.96 12.78
CA THR A 43 -23.00 11.10 11.90
C THR A 43 -24.17 11.73 12.65
N HIS A 44 -25.11 12.29 11.90
CA HIS A 44 -26.18 13.11 12.47
C HIS A 44 -27.50 12.40 12.55
N ASP A 45 -27.64 11.34 11.78
CA ASP A 45 -28.93 10.68 11.64
C ASP A 45 -28.88 9.26 12.13
N VAL A 46 -30.08 8.73 12.40
CA VAL A 46 -30.22 7.39 12.91
C VAL A 46 -29.69 6.35 11.91
N HIS A 47 -29.65 6.70 10.62
CA HIS A 47 -29.10 5.80 9.60
C HIS A 47 -27.58 5.86 9.50
N LYS A 48 -26.96 6.74 10.28
CA LYS A 48 -25.50 6.92 10.32
C LYS A 48 -24.88 7.10 8.93
N SER A 49 -25.44 8.03 8.17
CA SER A 49 -25.02 8.27 6.80
C SER A 49 -23.68 8.99 6.69
N VAL A 50 -22.77 8.45 5.88
CA VAL A 50 -21.47 9.07 5.72
C VAL A 50 -21.20 9.59 4.31
N ASP A 51 -22.06 9.25 3.37
CA ASP A 51 -21.88 9.72 2.00
C ASP A 51 -23.22 10.03 1.33
N ASP A 52 -23.15 10.68 0.18
CA ASP A 52 -24.36 11.19 -0.48
C ASP A 52 -24.07 11.28 -1.97
N SER A 53 -25.09 11.50 -2.78
CA SER A 53 -24.89 11.52 -4.23
C SER A 53 -24.05 12.72 -4.68
N PRO A 54 -23.22 12.52 -5.71
CA PRO A 54 -22.34 13.61 -6.13
C PRO A 54 -23.11 14.71 -6.86
N TYR A 55 -22.83 15.96 -6.51
CA TYR A 55 -23.36 17.09 -7.27
C TYR A 55 -22.85 17.01 -8.70
N GLY A 56 -23.70 17.34 -9.66
CA GLY A 56 -23.30 17.27 -11.06
C GLY A 56 -23.45 15.88 -11.65
N GLY A 57 -23.85 14.91 -10.82
CA GLY A 57 -24.15 13.58 -11.32
C GLY A 57 -22.92 12.70 -11.40
N GLY A 58 -23.10 11.51 -11.96
CA GLY A 58 -22.01 10.56 -12.03
C GLY A 58 -22.22 9.47 -11.01
N PRO A 59 -21.43 8.40 -11.11
CA PRO A 59 -21.62 7.21 -10.28
C PRO A 59 -20.91 7.31 -8.93
N GLY A 60 -21.24 6.39 -8.04
CA GLY A 60 -20.58 6.35 -6.74
C GLY A 60 -21.19 7.38 -5.81
N MET A 61 -20.54 7.57 -4.68
CA MET A 61 -21.01 8.48 -3.65
C MET A 61 -19.83 9.36 -3.25
N VAL A 62 -20.12 10.48 -2.60
CA VAL A 62 -19.10 11.39 -2.12
C VAL A 62 -19.30 11.48 -0.62
N MET A 63 -18.24 11.51 0.18
CA MET A 63 -18.44 11.53 1.63
C MET A 63 -18.86 12.92 2.11
N LYS A 64 -19.81 12.92 3.04
CA LYS A 64 -20.47 14.16 3.48
C LYS A 64 -19.55 15.12 4.20
N PRO A 65 -19.60 16.40 3.83
CA PRO A 65 -18.77 17.41 4.51
C PRO A 65 -19.18 17.65 5.97
N THR A 66 -20.46 17.58 6.30
CA THR A 66 -20.89 17.89 7.66
C THR A 66 -20.38 16.85 8.66
N VAL A 67 -20.29 15.60 8.22
CA VAL A 67 -19.80 14.53 9.09
C VAL A 67 -18.28 14.65 9.29
N TRP A 68 -17.56 14.78 8.18
CA TRP A 68 -16.10 14.83 8.26
C TRP A 68 -15.63 16.10 8.95
N GLY A 69 -16.34 17.20 8.70
CA GLY A 69 -16.07 18.46 9.34
C GLY A 69 -16.12 18.36 10.85
N ASP A 70 -17.17 17.72 11.37
CA ASP A 70 -17.31 17.53 12.81
C ASP A 70 -16.19 16.64 13.35
N ALA A 71 -15.84 15.59 12.61
CA ALA A 71 -14.84 14.65 13.09
C ALA A 71 -13.48 15.34 13.24
N LEU A 72 -13.09 16.04 12.19
CA LEU A 72 -11.79 16.70 12.18
C LEU A 72 -11.73 17.87 13.16
N ASP A 73 -12.86 18.56 13.36
CA ASP A 73 -12.93 19.61 14.36
C ASP A 73 -12.57 19.08 15.74
N GLU A 74 -13.03 17.87 16.05
CA GLU A 74 -12.78 17.29 17.37
C GLU A 74 -11.37 16.70 17.51
N ILE A 75 -10.87 16.12 16.43
CA ILE A 75 -9.60 15.37 16.43
CA ILE A 75 -9.61 15.39 16.50
C ILE A 75 -8.39 16.26 16.16
N CYS A 76 -8.53 17.21 15.24
CA CYS A 76 -7.39 18.03 14.83
C CYS A 76 -7.12 19.27 15.68
N THR A 77 -5.85 19.66 15.73
CA THR A 77 -5.49 21.00 16.23
C THR A 77 -4.68 21.74 15.17
N SER A 78 -4.30 22.97 15.48
CA SER A 78 -3.48 23.77 14.57
C SER A 78 -2.15 23.10 14.26
N GLU A 79 -1.68 22.21 15.15
CA GLU A 79 -0.38 21.56 14.96
C GLU A 79 -0.47 20.27 14.12
N THR A 80 -1.68 19.80 13.89
CA THR A 80 -1.90 18.54 13.20
C THR A 80 -1.44 18.56 11.75
N LEU A 81 -0.84 17.46 11.30
CA LEU A 81 -0.65 17.25 9.87
C LEU A 81 -1.75 16.32 9.39
N LEU A 82 -2.71 16.86 8.64
CA LEU A 82 -3.84 16.09 8.17
C LEU A 82 -3.48 15.39 6.87
N VAL A 83 -3.49 14.08 6.90
CA VAL A 83 -3.19 13.27 5.73
C VAL A 83 -4.46 12.69 5.15
N VAL A 84 -4.66 12.94 3.86
CA VAL A 84 -5.86 12.47 3.15
C VAL A 84 -5.44 11.59 1.99
N PRO A 85 -5.47 10.27 2.21
CA PRO A 85 -5.12 9.37 1.10
C PRO A 85 -6.18 9.46 -0.01
N THR A 86 -5.71 9.61 -1.24
CA THR A 86 -6.61 9.72 -2.37
C THR A 86 -5.86 9.42 -3.63
N PRO A 87 -6.53 8.74 -4.58
CA PRO A 87 -5.98 8.43 -5.91
C PRO A 87 -5.57 9.70 -6.65
N ALA A 88 -6.16 10.84 -6.31
CA ALA A 88 -5.84 12.11 -6.96
C ALA A 88 -4.76 12.88 -6.22
N GLY A 89 -4.08 12.23 -5.27
CA GLY A 89 -3.13 12.91 -4.42
C GLY A 89 -1.74 13.08 -5.03
N TYR A 90 -0.90 13.89 -4.40
CA TYR A 90 0.53 13.91 -4.75
C TYR A 90 1.10 12.54 -4.44
N PRO A 91 2.18 12.11 -5.12
CA PRO A 91 2.74 10.79 -4.77
C PRO A 91 3.30 10.75 -3.34
N PHE A 92 2.90 9.75 -2.55
CA PHE A 92 3.58 9.48 -1.28
C PHE A 92 4.92 8.81 -1.60
N THR A 93 6.02 9.39 -1.10
CA THR A 93 7.36 8.86 -1.39
C THR A 93 8.14 8.59 -0.11
N GLN A 94 9.33 8.02 -0.23
CA GLN A 94 10.16 7.81 0.95
C GLN A 94 10.54 9.14 1.59
N GLU A 95 10.72 10.17 0.77
CA GLU A 95 11.05 11.49 1.29
C GLU A 95 9.91 12.01 2.15
N THR A 96 8.69 11.79 1.68
CA THR A 96 7.48 12.14 2.43
C THR A 96 7.46 11.42 3.76
N ALA A 97 7.73 10.11 3.73
CA ALA A 97 7.72 9.31 4.94
C ALA A 97 8.72 9.86 5.95
N TRP A 98 9.91 10.21 5.46
CA TRP A 98 10.94 10.79 6.31
C TRP A 98 10.47 12.07 6.98
N GLN A 99 9.80 12.92 6.23
CA GLN A 99 9.36 14.20 6.76
C GLN A 99 8.31 13.99 7.84
N TRP A 100 7.34 13.13 7.56
CA TRP A 100 6.23 12.93 8.47
C TRP A 100 6.67 12.19 9.73
N SER A 101 7.85 11.57 9.70
CA SER A 101 8.30 10.76 10.82
C SER A 101 8.69 11.58 12.04
N THR A 102 8.80 12.90 11.86
CA THR A 102 9.20 13.80 12.93
C THR A 102 8.01 14.62 13.47
N GLU A 103 6.83 14.35 12.94
CA GLU A 103 5.60 15.07 13.31
C GLU A 103 5.02 14.63 14.66
N ASP A 104 4.53 15.59 15.43
CA ASP A 104 3.96 15.27 16.73
C ASP A 104 2.57 14.65 16.61
N HIS A 105 1.86 15.00 15.54
CA HIS A 105 0.47 14.56 15.40
C HIS A 105 0.09 14.40 13.94
N LEU A 106 -0.20 13.15 13.56
CA LEU A 106 -0.76 12.83 12.25
C LEU A 106 -2.21 12.40 12.40
N VAL A 107 -3.07 12.96 11.57
CA VAL A 107 -4.43 12.49 11.45
C VAL A 107 -4.65 12.01 10.02
N ILE A 108 -5.06 10.76 9.89
CA ILE A 108 -5.27 10.18 8.57
C ILE A 108 -6.76 9.97 8.34
N ALA A 109 -7.29 10.71 7.37
CA ALA A 109 -8.71 10.65 7.03
C ALA A 109 -8.95 9.66 5.90
N CYS A 110 -9.47 8.49 6.23
CA CYS A 110 -9.71 7.46 5.22
C CYS A 110 -11.07 7.61 4.56
N GLY A 111 -11.09 7.87 3.26
CA GLY A 111 -12.34 7.95 2.53
C GLY A 111 -12.40 6.97 1.37
N ARG A 112 -13.59 6.80 0.81
CA ARG A 112 -13.76 5.94 -0.36
C ARG A 112 -13.08 6.57 -1.58
N TYR A 113 -12.85 5.74 -2.60
CA TYR A 113 -12.15 6.16 -3.83
C TYR A 113 -12.69 7.47 -4.40
N GLU A 114 -14.02 7.57 -4.46
CA GLU A 114 -14.69 8.70 -5.09
C GLU A 114 -14.38 10.00 -4.34
N GLY A 115 -14.13 9.90 -3.05
CA GLY A 115 -13.55 10.99 -2.31
C GLY A 115 -14.44 11.63 -1.27
N ILE A 116 -13.83 12.52 -0.53
CA ILE A 116 -14.50 13.35 0.48
C ILE A 116 -14.79 14.68 -0.18
N ASP A 117 -15.99 15.22 0.07
CA ASP A 117 -16.35 16.58 -0.38
C ASP A 117 -15.13 17.49 -0.26
N GLN A 118 -14.75 18.15 -1.35
CA GLN A 118 -13.50 18.93 -1.38
C GLN A 118 -13.43 20.06 -0.35
N ARG A 119 -14.60 20.55 0.06
CA ARG A 119 -14.65 21.64 1.03
C ARG A 119 -14.07 21.25 2.37
N VAL A 120 -14.09 19.96 2.70
CA VAL A 120 -13.53 19.49 3.97
C VAL A 120 -12.02 19.78 4.04
N ALA A 121 -11.29 19.33 3.03
CA ALA A 121 -9.84 19.56 2.98
C ALA A 121 -9.54 21.04 2.83
N ASP A 122 -10.32 21.72 2.00
CA ASP A 122 -10.07 23.14 1.74
C ASP A 122 -10.26 23.97 3.01
N ASP A 123 -11.30 23.63 3.77
CA ASP A 123 -11.57 24.28 5.05
C ASP A 123 -10.45 23.99 6.04
N ALA A 124 -10.09 22.71 6.17
CA ALA A 124 -9.04 22.32 7.11
C ALA A 124 -7.71 23.04 6.78
N ALA A 125 -7.40 23.20 5.51
CA ALA A 125 -6.14 23.84 5.12
C ALA A 125 -6.06 25.33 5.43
N THR A 126 -7.16 25.93 5.86
CA THR A 126 -7.09 27.33 6.30
C THR A 126 -6.62 27.44 7.76
N ARG A 127 -6.47 26.33 8.47
CA ARG A 127 -5.93 26.44 9.83
C ARG A 127 -4.94 25.32 10.22
N MET A 128 -4.65 24.42 9.30
CA MET A 128 -3.68 23.37 9.56
C MET A 128 -3.05 22.90 8.24
N ARG A 129 -1.96 22.14 8.33
CA ARG A 129 -1.30 21.61 7.14
C ARG A 129 -2.04 20.38 6.66
N VAL A 130 -2.39 20.35 5.37
CA VAL A 130 -3.15 19.23 4.82
C VAL A 130 -2.34 18.66 3.66
N ARG A 131 -2.29 17.34 3.56
CA ARG A 131 -1.55 16.69 2.47
C ARG A 131 -2.41 15.60 1.85
N GLU A 132 -2.77 15.77 0.58
CA GLU A 132 -3.49 14.71 -0.12
C GLU A 132 -2.47 13.87 -0.87
N VAL A 133 -2.47 12.56 -0.65
CA VAL A 133 -1.43 11.71 -1.26
C VAL A 133 -1.97 10.40 -1.79
N SER A 134 -1.36 9.91 -2.87
CA SER A 134 -1.65 8.57 -3.38
CA SER A 134 -1.64 8.57 -3.38
C SER A 134 -0.45 7.65 -3.13
N ILE A 135 -0.71 6.38 -2.83
CA ILE A 135 0.39 5.44 -2.64
C ILE A 135 0.72 4.68 -3.93
N GLY A 136 -0.04 4.93 -4.99
CA GLY A 136 0.21 4.26 -6.25
C GLY A 136 -0.88 4.42 -7.28
N ASP A 137 -0.56 4.03 -8.52
CA ASP A 137 -1.47 4.16 -9.63
C ASP A 137 -2.14 2.83 -9.91
N TYR A 138 -2.83 2.35 -8.89
CA TYR A 138 -3.75 1.25 -8.99
C TYR A 138 -4.94 1.74 -8.19
N VAL A 139 -6.11 1.14 -8.41
CA VAL A 139 -7.32 1.60 -7.77
C VAL A 139 -7.72 0.74 -6.58
N LEU A 140 -7.89 1.37 -5.43
CA LEU A 140 -8.44 0.71 -4.24
C LEU A 140 -9.87 1.21 -4.01
N ASN A 141 -10.69 0.45 -3.30
CA ASN A 141 -12.05 0.88 -2.98
C ASN A 141 -12.09 2.04 -2.00
N GLY A 142 -11.07 2.11 -1.15
CA GLY A 142 -11.05 3.14 -0.15
C GLY A 142 -9.66 3.33 0.40
N GLY A 143 -9.50 4.31 1.30
CA GLY A 143 -8.17 4.72 1.74
C GLY A 143 -7.54 3.88 2.84
N GLU A 144 -8.27 2.89 3.37
CA GLU A 144 -7.79 2.12 4.53
C GLU A 144 -6.44 1.41 4.30
N ALA A 145 -6.31 0.70 3.19
CA ALA A 145 -5.05 0.03 2.87
C ALA A 145 -3.91 1.04 2.68
N ALA A 146 -4.25 2.19 2.12
CA ALA A 146 -3.25 3.25 1.92
C ALA A 146 -2.76 3.79 3.26
N ALA A 147 -3.69 3.91 4.22
CA ALA A 147 -3.36 4.36 5.56
C ALA A 147 -2.39 3.39 6.24
N LEU A 148 -2.64 2.09 6.10
CA LEU A 148 -1.76 1.06 6.64
C LEU A 148 -0.35 1.16 6.06
N VAL A 149 -0.28 1.42 4.75
CA VAL A 149 0.99 1.59 4.05
C VAL A 149 1.74 2.81 4.58
N ILE A 150 1.02 3.92 4.67
CA ILE A 150 1.61 5.16 5.19
C ILE A 150 2.08 4.98 6.65
N ILE A 151 1.22 4.38 7.49
CA ILE A 151 1.58 4.19 8.89
C ILE A 151 2.83 3.34 9.02
N GLU A 152 2.91 2.28 8.23
CA GLU A 152 4.09 1.41 8.27
C GLU A 152 5.38 2.11 7.80
N ALA A 153 5.29 2.85 6.70
CA ALA A 153 6.47 3.50 6.12
C ALA A 153 6.97 4.62 7.04
N VAL A 154 6.03 5.30 7.69
CA VAL A 154 6.39 6.37 8.61
C VAL A 154 6.96 5.85 9.93
N LEU A 155 6.29 4.90 10.57
CA LEU A 155 6.70 4.48 11.91
C LEU A 155 8.02 3.70 11.94
N ARG A 156 8.41 3.06 10.83
CA ARG A 156 9.67 2.33 10.87
C ARG A 156 10.84 3.31 10.84
N LEU A 157 10.58 4.56 10.48
CA LEU A 157 11.58 5.62 10.53
C LEU A 157 11.62 6.31 11.90
N VAL A 158 10.66 5.98 12.76
CA VAL A 158 10.65 6.53 14.11
C VAL A 158 11.50 5.61 14.99
N PRO A 159 12.59 6.16 15.53
CA PRO A 159 13.61 5.36 16.22
C PRO A 159 13.03 4.56 17.38
N GLY A 160 13.24 3.25 17.38
CA GLY A 160 12.80 2.42 18.48
C GLY A 160 11.46 1.75 18.21
N VAL A 161 10.90 2.05 17.04
CA VAL A 161 9.66 1.43 16.60
C VAL A 161 9.95 0.62 15.34
N SER A 179 18.45 6.53 -8.01
CA SER A 179 18.71 5.40 -7.12
C SER A 179 18.72 4.10 -7.91
N LEU A 180 19.05 3.00 -7.23
CA LEU A 180 19.11 1.70 -7.88
C LEU A 180 18.44 0.64 -7.02
N LEU A 181 17.91 -0.37 -7.68
CA LEU A 181 17.28 -1.48 -6.99
C LEU A 181 18.33 -2.36 -6.31
N GLU A 182 17.94 -2.99 -5.21
CA GLU A 182 18.80 -3.99 -4.61
C GLU A 182 18.78 -5.26 -5.44
N GLY A 183 19.93 -5.89 -5.62
CA GLY A 183 20.02 -7.12 -6.37
C GLY A 183 19.66 -8.31 -5.49
N PRO A 184 19.87 -9.53 -6.02
CA PRO A 184 19.53 -10.76 -5.30
C PRO A 184 20.32 -10.94 -4.02
N SER A 185 19.71 -11.59 -3.04
CA SER A 185 20.38 -11.91 -1.78
CA SER A 185 20.41 -11.91 -1.79
C SER A 185 20.33 -13.41 -1.52
N TYR A 186 21.26 -13.89 -0.72
CA TYR A 186 21.39 -15.33 -0.48
C TYR A 186 21.78 -15.60 0.94
N THR A 187 21.35 -16.75 1.45
CA THR A 187 21.85 -17.21 2.73
C THR A 187 22.02 -18.73 2.69
N ARG A 188 22.26 -19.34 3.84
CA ARG A 188 22.50 -20.78 3.91
C ARG A 188 21.28 -21.56 3.43
N PRO A 189 21.50 -22.76 2.86
CA PRO A 189 22.79 -23.42 2.63
C PRO A 189 23.46 -22.99 1.31
N PRO A 190 24.76 -23.27 1.14
CA PRO A 190 25.47 -22.76 -0.04
C PRO A 190 24.96 -23.36 -1.35
N SER A 191 24.41 -24.56 -1.27
CA SER A 191 23.82 -25.23 -2.43
CA SER A 191 23.82 -25.23 -2.43
C SER A 191 22.42 -25.68 -2.08
N TRP A 192 21.44 -25.32 -2.90
CA TRP A 192 20.05 -25.66 -2.62
C TRP A 192 19.27 -25.97 -3.89
N ARG A 193 18.74 -27.19 -3.98
CA ARG A 193 17.98 -27.65 -5.14
C ARG A 193 18.69 -27.37 -6.47
N GLY A 194 20.00 -27.62 -6.50
CA GLY A 194 20.77 -27.52 -7.72
C GLY A 194 21.35 -26.13 -7.99
N MET A 195 21.05 -25.18 -7.12
CA MET A 195 21.54 -23.81 -7.25
C MET A 195 22.49 -23.42 -6.15
N ASP A 196 23.71 -23.07 -6.55
CA ASP A 196 24.74 -22.59 -5.64
C ASP A 196 24.73 -21.08 -5.49
N VAL A 197 25.03 -20.61 -4.29
CA VAL A 197 25.23 -19.19 -4.06
C VAL A 197 26.38 -18.71 -4.94
N PRO A 198 26.23 -17.53 -5.58
CA PRO A 198 27.34 -16.99 -6.38
C PRO A 198 28.67 -17.01 -5.62
N PRO A 199 29.68 -17.71 -6.16
CA PRO A 199 30.93 -17.92 -5.43
C PRO A 199 31.60 -16.61 -4.99
N VAL A 200 31.44 -15.51 -5.74
CA VAL A 200 32.08 -14.25 -5.36
C VAL A 200 31.71 -13.85 -3.92
N LEU A 201 30.49 -14.18 -3.51
CA LEU A 201 30.00 -13.80 -2.19
C LEU A 201 30.73 -14.55 -1.06
N LEU A 202 31.40 -15.63 -1.41
CA LEU A 202 32.15 -16.42 -0.45
C LEU A 202 33.66 -16.20 -0.60
N SER A 203 34.05 -15.23 -1.42
CA SER A 203 35.45 -15.00 -1.77
C SER A 203 36.27 -14.28 -0.71
N GLY A 204 35.61 -13.54 0.18
CA GLY A 204 36.37 -12.76 1.14
C GLY A 204 37.03 -11.55 0.49
N ASP A 205 36.63 -11.24 -0.75
CA ASP A 205 37.12 -10.04 -1.45
C ASP A 205 36.01 -9.00 -1.41
N HIS A 206 35.98 -8.18 -0.37
CA HIS A 206 34.81 -7.34 -0.16
C HIS A 206 34.70 -6.15 -1.11
N ALA A 207 35.82 -5.73 -1.68
CA ALA A 207 35.75 -4.73 -2.75
C ALA A 207 35.08 -5.33 -4.00
N LYS A 208 35.47 -6.55 -4.35
CA LYS A 208 34.88 -7.23 -5.53
C LYS A 208 33.40 -7.51 -5.32
N ILE A 209 33.05 -7.91 -4.11
CA ILE A 209 31.66 -8.19 -3.77
C ILE A 209 30.81 -6.96 -3.96
N ALA A 210 31.31 -5.81 -3.52
CA ALA A 210 30.56 -4.57 -3.70
C ALA A 210 30.35 -4.26 -5.19
N ALA A 211 31.39 -4.47 -5.99
CA ALA A 211 31.30 -4.17 -7.41
C ALA A 211 30.34 -5.14 -8.10
N TRP A 212 30.39 -6.40 -7.72
CA TRP A 212 29.45 -7.41 -8.25
C TRP A 212 28.02 -7.01 -7.91
N ARG A 213 27.79 -6.60 -6.68
CA ARG A 213 26.45 -6.22 -6.27
C ARG A 213 25.99 -4.96 -7.02
N ALA A 214 26.91 -4.05 -7.29
CA ALA A 214 26.56 -2.84 -8.04
C ALA A 214 26.12 -3.21 -9.46
N GLU A 215 26.82 -4.16 -10.08
CA GLU A 215 26.46 -4.59 -11.44
C GLU A 215 25.12 -5.33 -11.44
N GLN A 216 24.88 -6.15 -10.42
CA GLN A 216 23.59 -6.85 -10.31
C GLN A 216 22.46 -5.84 -10.20
N SER A 217 22.72 -4.82 -9.39
CA SER A 217 21.78 -3.72 -9.19
CA SER A 217 21.75 -3.74 -9.20
C SER A 217 21.46 -3.01 -10.50
N ARG A 218 22.51 -2.72 -11.26
CA ARG A 218 22.38 -2.04 -12.54
C ARG A 218 21.49 -2.84 -13.48
N GLN A 219 21.80 -4.13 -13.59
CA GLN A 219 21.09 -4.99 -14.53
C GLN A 219 19.63 -5.15 -14.11
N ARG A 220 19.37 -5.23 -12.81
CA ARG A 220 18.01 -5.46 -12.35
C ARG A 220 17.18 -4.19 -12.52
N THR A 221 17.82 -3.05 -12.29
CA THR A 221 17.15 -1.76 -12.44
C THR A 221 16.79 -1.52 -13.91
N ILE A 222 17.74 -1.79 -14.81
CA ILE A 222 17.48 -1.71 -16.24
C ILE A 222 16.31 -2.59 -16.66
N GLU A 223 16.27 -3.80 -16.13
CA GLU A 223 15.23 -4.75 -16.50
C GLU A 223 13.88 -4.40 -15.90
N ARG A 224 13.84 -4.00 -14.63
CA ARG A 224 12.56 -3.87 -13.91
C ARG A 224 12.07 -2.44 -13.72
N ARG A 225 13.00 -1.52 -13.56
CA ARG A 225 12.64 -0.12 -13.32
C ARG A 225 13.50 0.84 -14.15
N PRO A 226 13.40 0.76 -15.49
CA PRO A 226 14.23 1.64 -16.31
C PRO A 226 13.92 3.11 -16.03
N ASP A 227 12.73 3.37 -15.50
CA ASP A 227 12.30 4.72 -15.14
C ASP A 227 13.24 5.33 -14.10
N LEU A 228 13.89 4.51 -13.31
CA LEU A 228 14.79 5.03 -12.28
C LEU A 228 16.07 5.60 -12.88
N LEU A 229 16.29 5.34 -14.15
CA LEU A 229 17.43 5.88 -14.87
C LEU A 229 17.00 7.00 -15.82
N SER B 2 -14.64 -20.04 -7.76
CA SER B 2 -13.86 -18.95 -8.32
C SER B 2 -12.55 -18.74 -7.55
N MET B 3 -11.95 -17.57 -7.73
CA MET B 3 -10.53 -17.36 -7.39
C MET B 3 -10.12 -17.81 -5.98
N LYS B 4 -8.94 -18.43 -5.89
CA LYS B 4 -8.34 -18.76 -4.62
C LYS B 4 -7.08 -17.92 -4.36
N ILE B 5 -6.98 -17.36 -3.16
CA ILE B 5 -5.78 -16.63 -2.77
C ILE B 5 -5.18 -17.23 -1.51
N ASP B 6 -3.92 -17.66 -1.61
CA ASP B 6 -3.16 -18.07 -0.42
C ASP B 6 -2.12 -17.01 -0.12
N VAL B 7 -2.02 -16.63 1.15
CA VAL B 7 -0.99 -15.69 1.62
C VAL B 7 -0.09 -16.40 2.62
N VAL B 8 1.21 -16.33 2.40
CA VAL B 8 2.15 -16.99 3.30
C VAL B 8 2.98 -15.92 3.98
N THR B 9 3.03 -15.96 5.31
CA THR B 9 3.61 -14.87 6.10
C THR B 9 4.03 -15.37 7.47
N ILE B 10 4.97 -14.69 8.12
CA ILE B 10 5.26 -14.99 9.52
C ILE B 10 4.41 -14.11 10.47
N PHE B 11 3.55 -13.27 9.90
CA PHE B 11 2.63 -12.49 10.70
C PHE B 11 1.19 -12.74 10.24
N PRO B 12 0.68 -13.96 10.47
CA PRO B 12 -0.65 -14.27 9.94
C PRO B 12 -1.79 -13.45 10.58
N GLU B 13 -1.65 -12.97 11.81
CA GLU B 13 -2.71 -12.17 12.41
C GLU B 13 -2.87 -10.83 11.69
N TYR B 14 -1.78 -10.30 11.15
CA TYR B 14 -1.82 -9.00 10.49
C TYR B 14 -2.60 -9.07 9.16
N LEU B 15 -2.66 -10.26 8.57
CA LEU B 15 -3.39 -10.43 7.32
C LEU B 15 -4.86 -10.74 7.58
N GLN B 16 -5.09 -11.50 8.65
CA GLN B 16 -6.38 -12.12 9.00
C GLN B 16 -7.58 -11.40 8.38
N PRO B 17 -8.17 -12.03 7.35
CA PRO B 17 -9.32 -11.53 6.58
C PRO B 17 -10.45 -11.06 7.49
N VAL B 18 -10.97 -9.87 7.23
CA VAL B 18 -12.02 -9.29 8.06
C VAL B 18 -13.31 -9.12 7.26
N ARG B 19 -14.41 -9.65 7.78
CA ARG B 19 -15.73 -9.27 7.29
C ARG B 19 -15.94 -7.84 7.77
N GLN B 20 -16.32 -6.97 6.84
CA GLN B 20 -16.20 -5.50 6.90
C GLN B 20 -14.87 -5.13 6.27
N SER B 21 -14.80 -5.46 4.99
CA SER B 21 -13.67 -5.19 4.12
C SER B 21 -14.21 -5.36 2.72
N LEU B 22 -13.62 -4.68 1.73
CA LEU B 22 -13.95 -5.00 0.35
C LEU B 22 -13.64 -6.49 0.12
N PRO B 23 -12.45 -6.97 0.56
CA PRO B 23 -12.23 -8.42 0.48
C PRO B 23 -13.21 -9.27 1.31
N GLY B 24 -13.67 -8.74 2.44
CA GLY B 24 -14.53 -9.51 3.32
C GLY B 24 -15.87 -9.79 2.69
N LYS B 25 -16.38 -8.82 1.93
CA LYS B 25 -17.64 -8.99 1.21
C LYS B 25 -17.49 -10.08 0.15
N ALA B 26 -16.39 -10.01 -0.60
CA ALA B 26 -16.14 -10.99 -1.66
C ALA B 26 -16.05 -12.41 -1.08
N ILE B 27 -15.41 -12.53 0.08
CA ILE B 27 -15.31 -13.83 0.76
C ILE B 27 -16.68 -14.38 1.10
N ASP B 28 -17.52 -13.53 1.69
CA ASP B 28 -18.87 -13.91 2.13
C ASP B 28 -19.76 -14.39 0.99
N LEU B 31 -17.25 -15.59 -3.58
CA LEU B 31 -16.65 -15.25 -4.87
C LEU B 31 -15.14 -15.50 -4.87
N VAL B 32 -14.52 -15.35 -3.70
CA VAL B 32 -13.10 -15.65 -3.53
C VAL B 32 -12.91 -16.35 -2.19
N ASP B 33 -11.87 -17.17 -2.11
CA ASP B 33 -11.48 -17.78 -0.85
C ASP B 33 -10.06 -17.34 -0.54
N VAL B 34 -9.87 -16.72 0.62
CA VAL B 34 -8.54 -16.26 1.04
C VAL B 34 -8.07 -17.06 2.26
N ALA B 35 -6.91 -17.71 2.13
CA ALA B 35 -6.39 -18.51 3.23
C ALA B 35 -5.04 -17.96 3.61
N VAL B 36 -4.80 -17.81 4.89
CA VAL B 36 -3.53 -17.25 5.35
C VAL B 36 -2.73 -18.29 6.09
N HIS B 37 -1.45 -18.44 5.72
CA HIS B 37 -0.62 -19.49 6.30
C HIS B 37 0.59 -18.93 7.03
N ASP B 38 0.82 -19.44 8.23
CA ASP B 38 2.02 -19.13 8.98
C ASP B 38 3.23 -19.88 8.40
N LEU B 39 4.19 -19.13 7.86
CA LEU B 39 5.41 -19.74 7.32
C LEU B 39 6.12 -20.69 8.31
N ARG B 40 6.07 -20.34 9.60
CA ARG B 40 6.77 -21.13 10.63
C ARG B 40 6.22 -22.56 10.72
N ARG B 41 5.03 -22.77 10.16
CA ARG B 41 4.44 -24.09 10.07
C ARG B 41 5.35 -25.10 9.35
N TRP B 42 6.20 -24.61 8.45
CA TRP B 42 7.09 -25.48 7.68
C TRP B 42 8.53 -25.50 8.19
N THR B 43 8.73 -25.08 9.43
CA THR B 43 10.05 -25.18 10.07
C THR B 43 10.13 -26.47 10.89
N HIS B 44 11.35 -26.92 11.19
CA HIS B 44 11.53 -28.17 11.91
C HIS B 44 12.55 -28.10 13.04
N ASP B 45 13.21 -26.95 13.17
CA ASP B 45 14.06 -26.71 14.34
C ASP B 45 13.20 -26.17 15.47
N VAL B 46 13.70 -26.26 16.70
CA VAL B 46 12.94 -25.87 17.88
C VAL B 46 12.73 -24.35 17.97
N HIS B 47 13.56 -23.59 17.25
CA HIS B 47 13.50 -22.14 17.30
C HIS B 47 12.62 -21.55 16.21
N LYS B 48 12.14 -22.40 15.31
CA LYS B 48 11.30 -21.98 14.16
C LYS B 48 11.99 -20.89 13.34
N SER B 49 13.27 -21.12 13.02
CA SER B 49 14.10 -20.11 12.36
C SER B 49 13.78 -19.97 10.88
N VAL B 50 13.48 -18.75 10.46
CA VAL B 50 13.13 -18.51 9.07
C VAL B 50 14.18 -17.67 8.34
N ASP B 51 15.15 -17.11 9.06
CA ASP B 51 16.17 -16.30 8.40
C ASP B 51 17.57 -16.51 8.91
N ASP B 52 18.54 -15.90 8.22
CA ASP B 52 19.95 -16.02 8.60
C ASP B 52 20.71 -14.91 7.92
N SER B 53 21.97 -14.74 8.32
CA SER B 53 22.81 -13.67 7.79
C SER B 53 23.10 -13.87 6.31
N PRO B 54 23.17 -12.76 5.55
CA PRO B 54 23.43 -12.82 4.10
C PRO B 54 24.84 -13.27 3.75
N TYR B 55 24.96 -14.14 2.76
CA TYR B 55 26.27 -14.43 2.18
C TYR B 55 26.81 -13.15 1.56
N GLY B 56 28.10 -12.90 1.73
CA GLY B 56 28.70 -11.71 1.17
C GLY B 56 28.62 -10.51 2.08
N GLY B 57 27.88 -10.65 3.18
CA GLY B 57 27.81 -9.60 4.17
C GLY B 57 26.67 -8.63 3.90
N GLY B 58 26.49 -7.68 4.81
CA GLY B 58 25.43 -6.71 4.68
C GLY B 58 24.58 -6.69 5.93
N PRO B 59 23.70 -5.70 6.04
CA PRO B 59 22.89 -5.57 7.25
C PRO B 59 21.68 -6.48 7.23
N GLY B 60 21.25 -6.89 8.41
CA GLY B 60 20.01 -7.62 8.53
C GLY B 60 20.12 -9.07 8.14
N MET B 61 18.98 -9.67 7.85
CA MET B 61 18.89 -11.10 7.62
C MET B 61 18.16 -11.35 6.31
N VAL B 62 18.33 -12.56 5.79
CA VAL B 62 17.69 -13.03 4.58
C VAL B 62 16.85 -14.24 4.91
N MET B 63 15.64 -14.34 4.37
CA MET B 63 14.81 -15.50 4.66
C MET B 63 15.38 -16.74 3.99
N LYS B 64 15.44 -17.84 4.74
CA LYS B 64 16.01 -19.10 4.27
C LYS B 64 15.23 -19.69 3.11
N PRO B 65 15.92 -20.23 2.10
CA PRO B 65 15.22 -20.85 0.98
C PRO B 65 14.53 -22.16 1.38
N THR B 66 15.07 -22.87 2.36
CA THR B 66 14.57 -24.19 2.74
C THR B 66 13.11 -24.17 3.16
N VAL B 67 12.77 -23.27 4.07
CA VAL B 67 11.41 -23.13 4.58
C VAL B 67 10.43 -22.72 3.49
N TRP B 68 10.82 -21.73 2.69
CA TRP B 68 9.98 -21.23 1.61
C TRP B 68 9.73 -22.30 0.57
N GLY B 69 10.74 -23.10 0.30
CA GLY B 69 10.60 -24.21 -0.64
C GLY B 69 9.57 -25.22 -0.20
N ASP B 70 9.63 -25.65 1.05
CA ASP B 70 8.67 -26.61 1.58
C ASP B 70 7.28 -26.00 1.59
N ALA B 71 7.16 -24.74 2.01
CA ALA B 71 5.86 -24.08 2.02
C ALA B 71 5.23 -24.04 0.61
N LEU B 72 5.99 -23.59 -0.37
CA LEU B 72 5.44 -23.42 -1.72
C LEU B 72 5.24 -24.75 -2.44
N ASP B 73 6.05 -25.74 -2.09
CA ASP B 73 5.84 -27.12 -2.57
C ASP B 73 4.43 -27.55 -2.25
N GLU B 74 4.00 -27.25 -1.02
CA GLU B 74 2.70 -27.71 -0.57
C GLU B 74 1.56 -26.90 -1.17
N ILE B 75 1.72 -25.59 -1.21
CA ILE B 75 0.62 -24.69 -1.57
C ILE B 75 0.43 -24.47 -3.07
N CYS B 76 1.52 -24.44 -3.83
CA CYS B 76 1.46 -24.09 -5.25
C CYS B 76 1.25 -25.27 -6.20
N THR B 77 0.67 -24.99 -7.36
CA THR B 77 0.64 -25.94 -8.46
C THR B 77 1.25 -25.27 -9.69
N SER B 78 1.30 -26.00 -10.81
CA SER B 78 1.83 -25.42 -12.04
C SER B 78 0.96 -24.27 -12.57
N GLU B 79 -0.32 -24.26 -12.19
CA GLU B 79 -1.27 -23.22 -12.61
C GLU B 79 -1.23 -21.95 -11.75
N THR B 80 -0.54 -22.05 -10.62
CA THR B 80 -0.43 -20.94 -9.69
C THR B 80 0.35 -19.75 -10.25
N LEU B 81 -0.16 -18.54 -10.01
CA LEU B 81 0.63 -17.34 -10.19
C LEU B 81 1.23 -16.95 -8.85
N LEU B 82 2.54 -17.07 -8.73
CA LEU B 82 3.24 -16.71 -7.49
C LEU B 82 3.65 -15.26 -7.51
N VAL B 83 3.08 -14.51 -6.57
CA VAL B 83 3.34 -13.10 -6.39
C VAL B 83 4.28 -12.90 -5.20
N VAL B 84 5.40 -12.21 -5.44
CA VAL B 84 6.37 -11.91 -4.38
C VAL B 84 6.50 -10.40 -4.24
N PRO B 85 5.84 -9.81 -3.24
CA PRO B 85 6.03 -8.36 -3.09
C PRO B 85 7.46 -8.07 -2.67
N THR B 86 8.07 -7.06 -3.28
CA THR B 86 9.44 -6.69 -2.97
C THR B 86 9.71 -5.31 -3.54
N PRO B 87 10.54 -4.52 -2.85
CA PRO B 87 10.89 -3.17 -3.27
C PRO B 87 11.65 -3.19 -4.60
N ALA B 88 12.24 -4.32 -4.91
CA ALA B 88 13.03 -4.45 -6.14
C ALA B 88 12.23 -5.10 -7.27
N GLY B 89 10.91 -5.13 -7.15
CA GLY B 89 10.08 -5.79 -8.14
C GLY B 89 9.73 -4.89 -9.32
N TYR B 90 9.09 -5.47 -10.34
CA TYR B 90 8.42 -4.69 -11.37
C TYR B 90 7.26 -3.90 -10.75
N PRO B 91 6.94 -2.72 -11.29
CA PRO B 91 5.79 -1.98 -10.75
C PRO B 91 4.48 -2.76 -10.82
N PHE B 92 3.77 -2.84 -9.70
CA PHE B 92 2.38 -3.30 -9.70
C PHE B 92 1.49 -2.12 -10.13
N THR B 93 0.81 -2.26 -11.26
CA THR B 93 -0.02 -1.19 -11.78
C THR B 93 -1.48 -1.62 -11.91
N GLN B 94 -2.33 -0.71 -12.37
CA GLN B 94 -3.74 -1.06 -12.58
C GLN B 94 -3.86 -2.09 -13.70
N GLU B 95 -2.94 -2.05 -14.66
CA GLU B 95 -2.92 -3.05 -15.72
C GLU B 95 -2.66 -4.41 -15.10
N THR B 96 -1.73 -4.45 -14.14
CA THR B 96 -1.41 -5.71 -13.46
C THR B 96 -2.63 -6.22 -12.72
N ALA B 97 -3.36 -5.32 -12.07
CA ALA B 97 -4.56 -5.70 -11.32
C ALA B 97 -5.60 -6.36 -12.20
N TRP B 98 -5.88 -5.74 -13.35
CA TRP B 98 -6.80 -6.32 -14.33
C TRP B 98 -6.34 -7.70 -14.81
N GLN B 99 -5.04 -7.82 -15.07
CA GLN B 99 -4.50 -9.10 -15.53
C GLN B 99 -4.69 -10.18 -14.46
N TRP B 100 -4.34 -9.87 -13.21
CA TRP B 100 -4.44 -10.90 -12.17
C TRP B 100 -5.89 -11.20 -11.77
N SER B 101 -6.81 -10.29 -12.09
CA SER B 101 -8.22 -10.45 -11.72
C SER B 101 -8.89 -11.66 -12.38
N THR B 102 -8.25 -12.20 -13.41
CA THR B 102 -8.79 -13.34 -14.13
C THR B 102 -8.08 -14.65 -13.74
N GLU B 103 -7.13 -14.57 -12.82
CA GLU B 103 -6.36 -15.76 -12.40
C GLU B 103 -7.18 -16.69 -11.49
N ASP B 104 -7.03 -18.00 -11.68
CA ASP B 104 -7.71 -18.95 -10.80
C ASP B 104 -7.05 -19.04 -9.42
N HIS B 105 -5.74 -18.83 -9.35
CA HIS B 105 -5.01 -19.06 -8.10
C HIS B 105 -3.79 -18.17 -7.92
N LEU B 106 -3.89 -17.25 -6.98
CA LEU B 106 -2.78 -16.39 -6.56
C LEU B 106 -2.19 -16.88 -5.26
N VAL B 107 -0.87 -17.01 -5.21
CA VAL B 107 -0.18 -17.24 -3.95
C VAL B 107 0.78 -16.10 -3.70
N ILE B 108 0.61 -15.44 -2.56
CA ILE B 108 1.39 -14.27 -2.22
C ILE B 108 2.36 -14.57 -1.09
N ALA B 109 3.65 -14.48 -1.41
CA ALA B 109 4.71 -14.80 -0.47
C ALA B 109 5.23 -13.52 0.17
N CYS B 110 4.89 -13.31 1.45
CA CYS B 110 5.32 -12.11 2.14
C CYS B 110 6.64 -12.33 2.84
N GLY B 111 7.62 -11.48 2.53
CA GLY B 111 8.90 -11.57 3.19
C GLY B 111 9.29 -10.25 3.82
N ARG B 112 10.39 -10.27 4.56
CA ARG B 112 10.99 -9.03 5.05
C ARG B 112 11.56 -8.18 3.89
N TYR B 113 11.79 -6.90 4.15
CA TYR B 113 12.36 -5.99 3.15
C TYR B 113 13.65 -6.54 2.52
N GLU B 114 14.59 -6.95 3.38
CA GLU B 114 15.89 -7.50 2.96
C GLU B 114 15.68 -8.64 1.99
N GLY B 115 14.58 -9.36 2.20
CA GLY B 115 14.05 -10.25 1.19
C GLY B 115 14.25 -11.72 1.45
N ILE B 116 13.81 -12.48 0.47
CA ILE B 116 13.87 -13.94 0.46
C ILE B 116 15.03 -14.31 -0.44
N ASP B 117 15.79 -15.32 -0.02
CA ASP B 117 16.86 -15.90 -0.84
C ASP B 117 16.39 -16.02 -2.29
N GLN B 118 17.19 -15.52 -3.23
CA GLN B 118 16.77 -15.40 -4.62
C GLN B 118 16.42 -16.74 -5.26
N ARG B 119 16.93 -17.81 -4.69
CA ARG B 119 16.75 -19.13 -5.27
C ARG B 119 15.32 -19.63 -5.14
N VAL B 120 14.56 -19.07 -4.20
CA VAL B 120 13.17 -19.48 -4.02
C VAL B 120 12.37 -19.11 -5.27
N ALA B 121 12.47 -17.84 -5.67
CA ALA B 121 11.82 -17.36 -6.89
C ALA B 121 12.37 -18.07 -8.12
N ASP B 122 13.68 -18.30 -8.14
CA ASP B 122 14.33 -18.99 -9.27
C ASP B 122 13.82 -20.43 -9.42
N ASP B 123 13.71 -21.13 -8.29
CA ASP B 123 13.23 -22.51 -8.28
C ASP B 123 11.76 -22.59 -8.68
N ALA B 124 10.96 -21.67 -8.16
CA ALA B 124 9.53 -21.66 -8.44
C ALA B 124 9.27 -21.42 -9.92
N ALA B 125 10.08 -20.56 -10.52
CA ALA B 125 9.91 -20.21 -11.93
C ALA B 125 10.11 -21.41 -12.87
N THR B 126 10.76 -22.46 -12.39
CA THR B 126 10.90 -23.68 -13.21
C THR B 126 9.61 -24.48 -13.25
N ARG B 127 8.63 -24.11 -12.43
CA ARG B 127 7.42 -24.92 -12.30
C ARG B 127 6.12 -24.10 -12.45
N MET B 128 6.21 -22.80 -12.23
CA MET B 128 5.02 -21.94 -12.27
C MET B 128 5.40 -20.52 -12.72
N ARG B 129 4.41 -19.69 -12.99
CA ARG B 129 4.67 -18.27 -13.29
C ARG B 129 4.94 -17.48 -12.01
N VAL B 130 5.99 -16.66 -12.03
CA VAL B 130 6.40 -15.93 -10.82
C VAL B 130 6.48 -14.44 -11.17
N ARG B 131 5.92 -13.62 -10.29
CA ARG B 131 5.93 -12.18 -10.48
C ARG B 131 6.41 -11.46 -9.23
N GLU B 132 7.56 -10.81 -9.33
CA GLU B 132 8.04 -9.98 -8.22
C GLU B 132 7.63 -8.53 -8.50
N VAL B 133 6.90 -7.93 -7.56
CA VAL B 133 6.31 -6.62 -7.80
C VAL B 133 6.44 -5.70 -6.60
N SER B 134 6.60 -4.41 -6.89
CA SER B 134 6.61 -3.35 -5.88
CA SER B 134 6.59 -3.38 -5.88
C SER B 134 5.32 -2.55 -6.01
N ILE B 135 4.74 -2.14 -4.89
CA ILE B 135 3.54 -1.31 -4.95
C ILE B 135 3.91 0.18 -4.83
N GLY B 136 5.18 0.49 -4.62
CA GLY B 136 5.59 1.90 -4.52
C GLY B 136 7.02 2.06 -4.07
N ASP B 137 7.56 3.27 -4.15
CA ASP B 137 8.96 3.50 -3.82
C ASP B 137 9.20 4.06 -2.43
N TYR B 138 8.25 3.82 -1.55
CA TYR B 138 8.43 4.05 -0.13
C TYR B 138 8.91 2.73 0.42
N VAL B 139 9.43 2.74 1.65
CA VAL B 139 9.99 1.53 2.21
C VAL B 139 9.10 0.93 3.29
N LEU B 140 8.69 -0.32 3.10
CA LEU B 140 7.93 -1.07 4.10
C LEU B 140 8.84 -2.07 4.80
N ASN B 141 8.47 -2.50 6.00
CA ASN B 141 9.30 -3.45 6.74
C ASN B 141 9.13 -4.88 6.23
N GLY B 142 7.99 -5.16 5.61
CA GLY B 142 7.71 -6.49 5.09
C GLY B 142 6.65 -6.43 4.02
N GLY B 143 6.40 -7.57 3.36
CA GLY B 143 5.46 -7.64 2.26
C GLY B 143 3.98 -7.64 2.66
N GLU B 144 3.71 -7.73 3.96
CA GLU B 144 2.34 -7.90 4.44
C GLU B 144 1.38 -6.77 4.00
N ALA B 145 1.77 -5.51 4.20
CA ALA B 145 0.89 -4.42 3.77
C ALA B 145 0.75 -4.38 2.26
N ALA B 146 1.82 -4.72 1.54
CA ALA B 146 1.76 -4.80 0.08
C ALA B 146 0.76 -5.86 -0.38
N ALA B 147 0.73 -6.99 0.33
CA ALA B 147 -0.22 -8.06 0.06
C ALA B 147 -1.66 -7.58 0.20
N LEU B 148 -1.93 -6.77 1.23
CA LEU B 148 -3.28 -6.23 1.43
C LEU B 148 -3.71 -5.31 0.30
N VAL B 149 -2.76 -4.49 -0.17
CA VAL B 149 -3.03 -3.56 -1.26
C VAL B 149 -3.32 -4.34 -2.54
N ILE B 150 -2.49 -5.33 -2.83
CA ILE B 150 -2.66 -6.11 -4.05
C ILE B 150 -3.99 -6.84 -4.06
N ILE B 151 -4.36 -7.43 -2.92
CA ILE B 151 -5.63 -8.14 -2.82
C ILE B 151 -6.81 -7.19 -3.05
N GLU B 152 -6.76 -6.02 -2.43
CA GLU B 152 -7.87 -5.09 -2.58
C GLU B 152 -7.99 -4.61 -4.03
N ALA B 153 -6.86 -4.31 -4.67
CA ALA B 153 -6.86 -3.81 -6.05
C ALA B 153 -7.33 -4.89 -7.02
N VAL B 154 -6.96 -6.13 -6.74
CA VAL B 154 -7.33 -7.23 -7.62
C VAL B 154 -8.79 -7.63 -7.40
N LEU B 155 -9.20 -7.79 -6.15
CA LEU B 155 -10.53 -8.31 -5.86
C LEU B 155 -11.67 -7.42 -6.36
N ARG B 156 -11.45 -6.11 -6.40
CA ARG B 156 -12.54 -5.25 -6.82
C ARG B 156 -12.77 -5.33 -8.35
N LEU B 157 -11.86 -6.00 -9.05
CA LEU B 157 -12.00 -6.16 -10.50
C LEU B 157 -12.58 -7.52 -10.90
N VAL B 158 -12.67 -8.42 -9.93
CA VAL B 158 -13.13 -9.78 -10.22
C VAL B 158 -14.60 -9.78 -10.65
N PRO B 159 -14.94 -10.48 -11.75
CA PRO B 159 -16.32 -10.55 -12.24
C PRO B 159 -17.28 -10.93 -11.12
N GLY B 160 -18.19 -10.03 -10.75
CA GLY B 160 -19.08 -10.27 -9.63
C GLY B 160 -18.82 -9.32 -8.48
N SER B 179 -3.57 8.14 -16.70
CA SER B 179 -4.51 8.86 -17.56
C SER B 179 -4.64 10.31 -17.09
N LEU B 180 -5.55 10.52 -16.16
CA LEU B 180 -5.91 11.84 -15.68
C LEU B 180 -6.46 11.69 -14.28
N LEU B 181 -6.08 12.57 -13.36
CA LEU B 181 -6.55 12.52 -11.98
C LEU B 181 -8.00 12.94 -11.86
N GLU B 182 -8.71 12.34 -10.91
CA GLU B 182 -10.06 12.79 -10.61
C GLU B 182 -10.02 14.19 -10.00
N GLY B 183 -10.94 15.04 -10.44
CA GLY B 183 -11.04 16.39 -9.93
C GLY B 183 -11.80 16.36 -8.61
N PRO B 184 -12.09 17.54 -8.06
CA PRO B 184 -12.79 17.59 -6.78
C PRO B 184 -14.25 17.18 -6.91
N SER B 185 -14.79 16.61 -5.83
CA SER B 185 -16.19 16.18 -5.79
CA SER B 185 -16.20 16.20 -5.82
C SER B 185 -16.93 16.88 -4.66
N TYR B 186 -18.26 16.99 -4.79
CA TYR B 186 -19.07 17.67 -3.79
C TYR B 186 -20.39 16.97 -3.60
N THR B 187 -20.99 17.15 -2.42
CA THR B 187 -22.34 16.69 -2.21
C THR B 187 -23.03 17.66 -1.23
N ARG B 188 -24.22 17.31 -0.77
CA ARG B 188 -25.04 18.25 -0.02
C ARG B 188 -24.43 18.56 1.35
N PRO B 189 -24.67 19.77 1.89
CA PRO B 189 -25.48 20.88 1.36
C PRO B 189 -24.72 21.73 0.34
N PRO B 190 -25.43 22.56 -0.45
CA PRO B 190 -24.81 23.34 -1.52
C PRO B 190 -23.93 24.46 -0.99
N SER B 191 -24.16 24.88 0.26
CA SER B 191 -23.25 25.83 0.90
C SER B 191 -22.90 25.31 2.30
N TRP B 192 -21.62 25.36 2.64
CA TRP B 192 -21.16 24.79 3.91
C TRP B 192 -19.99 25.60 4.46
N ARG B 193 -20.15 26.13 5.67
CA ARG B 193 -19.17 27.02 6.29
C ARG B 193 -18.78 28.18 5.38
N GLY B 194 -19.75 28.74 4.66
CA GLY B 194 -19.49 29.86 3.77
C GLY B 194 -18.76 29.47 2.49
N MET B 195 -18.63 28.17 2.25
CA MET B 195 -18.04 27.66 1.01
C MET B 195 -19.12 27.04 0.13
N ASP B 196 -19.26 27.54 -1.10
CA ASP B 196 -20.32 27.09 -2.00
C ASP B 196 -19.82 26.01 -2.98
N VAL B 197 -20.69 25.05 -3.30
CA VAL B 197 -20.41 24.12 -4.40
C VAL B 197 -20.38 24.91 -5.71
N PRO B 198 -19.39 24.62 -6.59
CA PRO B 198 -19.30 25.29 -7.90
C PRO B 198 -20.63 25.26 -8.63
N PRO B 199 -21.17 26.44 -8.97
CA PRO B 199 -22.53 26.57 -9.49
C PRO B 199 -22.81 25.70 -10.70
N VAL B 200 -21.80 25.46 -11.54
CA VAL B 200 -22.00 24.65 -12.72
C VAL B 200 -22.47 23.24 -12.34
N LEU B 201 -22.05 22.76 -11.17
CA LEU B 201 -22.40 21.42 -10.73
C LEU B 201 -23.88 21.36 -10.33
N LEU B 202 -24.45 22.53 -10.05
CA LEU B 202 -25.84 22.61 -9.65
C LEU B 202 -26.75 22.91 -10.84
N SER B 203 -26.15 23.18 -12.00
CA SER B 203 -26.90 23.72 -13.14
C SER B 203 -27.60 22.66 -13.99
N GLY B 204 -27.28 21.40 -13.79
CA GLY B 204 -27.88 20.33 -14.57
C GLY B 204 -27.49 20.30 -16.04
N ASP B 205 -26.51 21.10 -16.42
CA ASP B 205 -26.04 21.12 -17.81
C ASP B 205 -24.92 20.11 -17.97
N HIS B 206 -25.26 18.95 -18.49
CA HIS B 206 -24.31 17.84 -18.60
C HIS B 206 -23.06 18.21 -19.37
N ALA B 207 -23.21 19.07 -20.38
CA ALA B 207 -22.09 19.49 -21.20
C ALA B 207 -21.14 20.45 -20.47
N LYS B 208 -21.70 21.46 -19.81
CA LYS B 208 -20.85 22.41 -19.10
C LYS B 208 -20.19 21.73 -17.89
N ILE B 209 -20.94 20.84 -17.24
CA ILE B 209 -20.41 20.04 -16.14
C ILE B 209 -19.22 19.21 -16.62
N ALA B 210 -19.35 18.59 -17.79
CA ALA B 210 -18.27 17.76 -18.32
C ALA B 210 -17.04 18.59 -18.64
N ALA B 211 -17.26 19.79 -19.16
CA ALA B 211 -16.17 20.69 -19.52
C ALA B 211 -15.44 21.18 -18.28
N TRP B 212 -16.21 21.52 -17.25
CA TRP B 212 -15.63 22.02 -16.02
C TRP B 212 -14.82 20.92 -15.37
N ARG B 213 -15.38 19.70 -15.37
CA ARG B 213 -14.71 18.58 -14.72
C ARG B 213 -13.41 18.24 -15.44
N ALA B 214 -13.43 18.35 -16.76
CA ALA B 214 -12.23 18.11 -17.55
C ALA B 214 -11.13 19.10 -17.17
N GLU B 215 -11.49 20.38 -17.11
CA GLU B 215 -10.53 21.44 -16.80
C GLU B 215 -9.95 21.32 -15.38
N GLN B 216 -10.81 20.92 -14.43
CA GLN B 216 -10.37 20.68 -13.05
C GLN B 216 -9.37 19.52 -12.95
N SER B 217 -9.65 18.45 -13.68
CA SER B 217 -8.76 17.31 -13.73
C SER B 217 -7.43 17.67 -14.41
N ARG B 218 -7.48 18.54 -15.40
CA ARG B 218 -6.27 19.02 -16.08
C ARG B 218 -5.38 19.81 -15.13
N GLN B 219 -5.95 20.80 -14.44
CA GLN B 219 -5.18 21.60 -13.51
C GLN B 219 -4.55 20.68 -12.46
N ARG B 220 -5.35 19.76 -11.92
CA ARG B 220 -4.89 18.87 -10.85
C ARG B 220 -3.82 17.86 -11.32
N THR B 221 -3.97 17.34 -12.53
CA THR B 221 -2.96 16.39 -13.03
C THR B 221 -1.64 17.12 -13.32
N ILE B 222 -1.72 18.29 -13.94
CA ILE B 222 -0.53 19.08 -14.25
C ILE B 222 0.21 19.44 -12.96
N GLU B 223 -0.55 19.78 -11.93
CA GLU B 223 0.03 20.17 -10.64
C GLU B 223 0.60 18.99 -9.83
N ARG B 224 -0.16 17.90 -9.76
CA ARG B 224 0.18 16.81 -8.85
C ARG B 224 0.88 15.65 -9.52
N ARG B 225 0.53 15.37 -10.78
CA ARG B 225 1.10 14.22 -11.47
C ARG B 225 1.44 14.52 -12.93
N PRO B 226 2.37 15.47 -13.14
CA PRO B 226 2.70 15.89 -14.51
C PRO B 226 3.20 14.71 -15.37
N ASP B 227 3.76 13.71 -14.71
CA ASP B 227 4.22 12.50 -15.38
C ASP B 227 3.11 11.79 -16.17
N LEU B 228 1.87 11.86 -15.69
CA LEU B 228 0.77 11.16 -16.37
C LEU B 228 0.52 11.77 -17.76
N LEU B 229 0.87 13.03 -17.92
CA LEU B 229 0.64 13.70 -19.20
C LEU B 229 1.93 13.84 -19.99
N GLY B 230 2.95 13.09 -19.57
CA GLY B 230 4.18 13.03 -20.34
C GLY B 230 5.11 14.21 -20.09
N PHE B 231 5.04 14.80 -18.89
CA PHE B 231 5.95 15.89 -18.52
C PHE B 231 6.92 15.48 -17.41
N ASP B 232 7.99 16.26 -17.24
CA ASP B 232 8.95 16.07 -16.16
C ASP B 232 8.28 16.18 -14.79
N SER B 233 8.86 15.52 -13.79
CA SER B 233 8.28 15.50 -12.44
C SER B 233 8.79 16.64 -11.54
C10 JBQ C . -6.09 4.53 -4.62
F01 JBQ C . -8.69 4.73 -3.37
C02 JBQ C . -7.62 5.25 -2.77
C03 JBQ C . -7.80 5.88 -1.55
C04 JBQ C . -6.69 6.43 -0.91
C05 JBQ C . -5.42 6.36 -1.47
C06 JBQ C . -5.24 5.70 -2.73
N07 JBQ C . -3.98 5.63 -3.31
C08 JBQ C . -3.80 5.02 -4.50
N09 JBQ C . -4.85 4.48 -5.15
O11 JBQ C . -7.17 3.97 -5.30
C12 JBQ C . -6.31 5.16 -3.37
C10 JBQ D . 7.23 -2.63 -1.51
F01 JBQ D . 6.39 -5.27 -1.80
C02 JBQ D . 7.16 -4.98 -0.75
C03 JBQ D . 7.52 -5.96 0.16
C04 JBQ D . 8.33 -5.65 1.26
C05 JBQ D . 8.76 -4.33 1.43
C06 JBQ D . 8.38 -3.33 0.49
N07 JBQ D . 8.80 -2.02 0.63
C08 JBQ D . 8.44 -1.08 -0.25
N09 JBQ D . 7.66 -1.37 -1.33
O11 JBQ D . 6.42 -2.94 -2.61
C12 JBQ D . 7.60 -3.64 -0.58
S SO4 E . 6.11 -16.60 -17.28
O1 SO4 E . 4.86 -15.93 -17.64
O2 SO4 E . 7.23 -15.91 -17.89
O3 SO4 E . 6.07 -17.98 -17.74
O4 SO4 E . 6.28 -16.58 -15.83
#